data_8V75
#
_entry.id   8V75
#
_cell.length_a   77.827
_cell.length_b   77.827
_cell.length_c   85.305
_cell.angle_alpha   90.00
_cell.angle_beta   90.00
_cell.angle_gamma   90.00
#
_symmetry.space_group_name_H-M   'P 42 21 2'
#
loop_
_entity.id
_entity.type
_entity.pdbx_description
1 polymer 'Inositol polyphosphate multikinase'
2 non-polymer N-{(3P)-3-[(5P)-5-(2H-tetrazol-5-yl)-2,1-benzoxazol-3-yl]phenyl}cyclopropanecarboxamide
3 non-polymer 'SULFATE ION'
4 water water
#
_entity_poly.entity_id   1
_entity_poly.type   'polypeptide(L)'
_entity_poly.pdbx_seq_one_letter_code
;GSFTSHQVAGHMYGKDKVGILQHPDGTVLKQLQPPPRGPRELEFYNMVYAADCFDGVLLELRKYLPKYYGIWSPPTAPND
LYLKLEDVTHKFNKPCIMDVKIGQKSYDPFASSEKIQQQVSKYPLMEEIGFLVLGMRVYHVHSDSYETENQHYGRSLTKE
TIKDGVSRFFHNGYCLRKDAVAASIQKIEKILQWFENQKQLNFYASSLLFVYEGSSQGGSGGEVEVRMIDFAHVFPSNTI
DEGYVYGLKHLISVLRSILDN
;
_entity_poly.pdbx_strand_id   A
#
# COMPACT_ATOMS: atom_id res chain seq x y z
N ILE A 20 -5.75 8.30 -9.85
CA ILE A 20 -6.39 8.76 -8.58
C ILE A 20 -6.71 10.25 -8.72
N LEU A 21 -7.99 10.60 -8.55
CA LEU A 21 -8.45 11.98 -8.50
C LEU A 21 -8.82 12.33 -7.06
N GLN A 22 -8.18 13.37 -6.53
CA GLN A 22 -8.49 13.84 -5.19
C GLN A 22 -9.66 14.80 -5.25
N HIS A 23 -10.67 14.55 -4.41
CA HIS A 23 -11.88 15.36 -4.37
C HIS A 23 -11.85 16.21 -3.10
N PRO A 24 -12.18 17.52 -3.17
CA PRO A 24 -12.28 18.37 -1.98
C PRO A 24 -13.11 17.86 -0.80
N ASP A 25 -14.02 16.91 -1.06
CA ASP A 25 -14.89 16.38 -0.02
C ASP A 25 -14.16 15.33 0.82
N GLY A 26 -12.86 15.12 0.55
CA GLY A 26 -12.04 14.24 1.36
C GLY A 26 -12.06 12.79 0.87
N THR A 27 -12.47 12.61 -0.39
CA THR A 27 -12.45 11.30 -1.03
C THR A 27 -11.46 11.33 -2.19
N VAL A 28 -11.09 10.13 -2.65
CA VAL A 28 -10.46 9.95 -3.94
C VAL A 28 -11.41 9.16 -4.83
N LEU A 29 -11.34 9.43 -6.14
CA LEU A 29 -11.99 8.62 -7.15
C LEU A 29 -10.90 7.82 -7.86
N LYS A 30 -10.99 6.50 -7.79
CA LYS A 30 -10.08 5.64 -8.54
C LYS A 30 -10.83 5.04 -9.73
N GLN A 31 -10.37 5.37 -10.94
CA GLN A 31 -10.92 4.77 -12.14
C GLN A 31 -10.59 3.28 -12.15
N LEU A 32 -11.59 2.45 -12.45
CA LEU A 32 -11.37 1.02 -12.61
C LEU A 32 -10.32 0.83 -13.71
N GLN A 33 -9.30 0.03 -13.40
CA GLN A 33 -8.34 -0.43 -14.39
C GLN A 33 -9.06 -1.31 -15.40
N PRO A 34 -8.49 -1.53 -16.62
CA PRO A 34 -9.14 -2.40 -17.61
C PRO A 34 -9.36 -3.80 -17.07
N PRO A 35 -10.31 -4.58 -17.64
CA PRO A 35 -10.58 -5.93 -17.15
C PRO A 35 -9.35 -6.81 -17.32
N PRO A 36 -9.10 -7.82 -16.44
CA PRO A 36 -9.99 -8.13 -15.32
C PRO A 36 -9.71 -7.40 -14.00
N ARG A 37 -8.73 -6.48 -14.02
CA ARG A 37 -8.18 -5.92 -12.79
C ARG A 37 -9.21 -5.02 -12.10
N GLY A 38 -9.73 -4.03 -12.83
CA GLY A 38 -10.69 -3.10 -12.27
C GLY A 38 -11.92 -3.80 -11.69
N PRO A 39 -12.62 -4.66 -12.49
CA PRO A 39 -13.73 -5.46 -11.96
C PRO A 39 -13.40 -6.25 -10.69
N ARG A 40 -12.19 -6.83 -10.63
CA ARG A 40 -11.77 -7.61 -9.47
C ARG A 40 -11.67 -6.71 -8.23
N GLU A 41 -11.15 -5.49 -8.41
CA GLU A 41 -10.99 -4.58 -7.28
C GLU A 41 -12.36 -4.10 -6.81
N LEU A 42 -13.29 -3.87 -7.74
CA LEU A 42 -14.66 -3.52 -7.39
C LEU A 42 -15.27 -4.63 -6.53
N GLU A 43 -15.15 -5.89 -6.98
CA GLU A 43 -15.78 -7.00 -6.29
C GLU A 43 -15.13 -7.19 -4.92
N PHE A 44 -13.84 -6.86 -4.79
CA PHE A 44 -13.15 -6.95 -3.51
C PHE A 44 -13.82 -6.03 -2.50
N TYR A 45 -13.93 -4.74 -2.86
CA TYR A 45 -14.53 -3.75 -1.97
C TYR A 45 -15.98 -4.13 -1.67
N ASN A 46 -16.71 -4.60 -2.70
CA ASN A 46 -18.10 -4.98 -2.54
C ASN A 46 -18.25 -6.13 -1.53
N MET A 47 -17.36 -7.12 -1.63
CA MET A 47 -17.38 -8.25 -0.72
C MET A 47 -17.12 -7.78 0.71
N VAL A 48 -16.05 -6.99 0.89
CA VAL A 48 -15.59 -6.60 2.22
C VAL A 48 -16.65 -5.73 2.89
N TYR A 49 -17.20 -4.77 2.15
CA TYR A 49 -18.08 -3.75 2.70
C TYR A 49 -19.54 -4.13 2.48
N ALA A 50 -19.79 -5.42 2.20
CA ALA A 50 -21.14 -5.94 2.07
C ALA A 50 -21.93 -5.63 3.34
N ALA A 51 -23.12 -5.05 3.18
CA ALA A 51 -23.91 -4.57 4.30
C ALA A 51 -24.33 -5.72 5.22
N ASP A 52 -24.54 -6.91 4.63
CA ASP A 52 -25.00 -8.08 5.36
C ASP A 52 -23.82 -8.97 5.77
N CYS A 53 -22.59 -8.43 5.67
CA CYS A 53 -21.40 -9.19 6.03
C CYS A 53 -21.23 -9.21 7.55
N PHE A 54 -21.21 -10.42 8.11
CA PHE A 54 -20.91 -10.63 9.52
C PHE A 54 -19.68 -11.52 9.66
N ASP A 55 -18.86 -11.60 8.60
CA ASP A 55 -17.59 -12.31 8.63
C ASP A 55 -16.60 -11.49 9.44
N GLY A 56 -16.16 -12.05 10.57
CA GLY A 56 -15.32 -11.34 11.53
C GLY A 56 -13.97 -10.92 10.94
N VAL A 57 -13.44 -11.74 10.03
CA VAL A 57 -12.19 -11.44 9.36
C VAL A 57 -12.35 -10.19 8.48
N LEU A 58 -13.45 -10.14 7.73
CA LEU A 58 -13.69 -9.07 6.79
C LEU A 58 -14.09 -7.78 7.52
N LEU A 59 -14.81 -7.92 8.64
CA LEU A 59 -15.17 -6.77 9.46
C LEU A 59 -13.91 -6.11 10.03
N GLU A 60 -12.97 -6.94 10.50
CA GLU A 60 -11.71 -6.46 11.05
C GLU A 60 -10.88 -5.82 9.94
N LEU A 61 -10.94 -6.36 8.72
CA LEU A 61 -10.14 -5.86 7.61
C LEU A 61 -10.51 -4.42 7.25
N ARG A 62 -11.78 -4.05 7.44
CA ARG A 62 -12.28 -2.74 7.07
C ARG A 62 -11.46 -1.61 7.72
N LYS A 63 -10.92 -1.87 8.92
CA LYS A 63 -10.15 -0.88 9.67
C LYS A 63 -8.92 -0.41 8.90
N TYR A 64 -8.36 -1.30 8.07
CA TYR A 64 -7.05 -1.10 7.46
C TYR A 64 -7.18 -0.67 6.00
N LEU A 65 -8.41 -0.66 5.48
CA LEU A 65 -8.71 -0.24 4.13
C LEU A 65 -9.15 1.23 4.15
N PRO A 66 -9.10 1.93 2.99
CA PRO A 66 -9.85 3.17 2.85
C PRO A 66 -11.32 2.85 3.08
N LYS A 67 -12.06 3.75 3.73
CA LYS A 67 -13.49 3.61 3.77
C LYS A 67 -14.00 3.62 2.32
N TYR A 68 -15.05 2.81 2.08
CA TYR A 68 -15.58 2.58 0.75
C TYR A 68 -16.97 3.20 0.64
N TYR A 69 -17.17 4.01 -0.40
CA TYR A 69 -18.42 4.75 -0.59
C TYR A 69 -19.19 4.23 -1.80
N GLY A 70 -18.75 3.08 -2.33
CA GLY A 70 -19.44 2.41 -3.42
C GLY A 70 -18.88 2.80 -4.79
N ILE A 71 -19.44 2.16 -5.83
CA ILE A 71 -19.14 2.49 -7.21
C ILE A 71 -19.67 3.89 -7.49
N TRP A 72 -18.95 4.64 -8.33
CA TRP A 72 -19.40 5.95 -8.77
C TRP A 72 -19.11 6.13 -10.26
N SER A 73 -20.03 6.78 -10.95
CA SER A 73 -19.84 7.15 -12.35
C SER A 73 -20.41 8.55 -12.58
N PRO A 74 -19.85 9.34 -13.51
CA PRO A 74 -20.40 10.66 -13.81
C PRO A 74 -21.87 10.58 -14.19
N PRO A 75 -22.71 11.55 -13.74
CA PRO A 75 -24.14 11.55 -14.06
C PRO A 75 -24.47 11.28 -15.53
N THR A 76 -23.62 11.77 -16.43
CA THR A 76 -23.85 11.72 -17.87
C THR A 76 -23.01 10.64 -18.54
N ALA A 77 -22.36 9.76 -17.77
CA ALA A 77 -21.45 8.78 -18.33
C ALA A 77 -21.42 7.50 -17.49
N PRO A 78 -22.48 6.65 -17.58
CA PRO A 78 -22.54 5.40 -16.83
C PRO A 78 -21.44 4.39 -17.15
N ASN A 79 -20.84 4.55 -18.34
CA ASN A 79 -19.74 3.72 -18.80
C ASN A 79 -18.49 3.91 -17.93
N ASP A 80 -18.32 5.11 -17.38
CA ASP A 80 -17.04 5.52 -16.79
C ASP A 80 -17.04 5.19 -15.30
N LEU A 81 -16.43 4.06 -14.94
CA LEU A 81 -16.57 3.46 -13.61
C LEU A 81 -15.41 3.89 -12.70
N TYR A 82 -15.76 4.33 -11.49
CA TYR A 82 -14.78 4.66 -10.46
C TYR A 82 -15.18 4.01 -9.14
N LEU A 83 -14.17 3.85 -8.28
CA LEU A 83 -14.39 3.57 -6.87
C LEU A 83 -14.25 4.90 -6.12
N LYS A 84 -15.25 5.20 -5.27
CA LYS A 84 -15.19 6.33 -4.37
C LYS A 84 -14.64 5.84 -3.04
N LEU A 85 -13.44 6.33 -2.69
CA LEU A 85 -12.70 5.86 -1.53
C LEU A 85 -12.34 7.05 -0.64
N GLU A 86 -12.19 6.78 0.66
CA GLU A 86 -11.60 7.72 1.60
C GLU A 86 -10.23 8.18 1.08
N ASP A 87 -9.99 9.49 1.11
CA ASP A 87 -8.66 10.02 0.91
C ASP A 87 -7.94 9.95 2.26
N VAL A 88 -7.02 8.99 2.35
CA VAL A 88 -6.33 8.66 3.59
C VAL A 88 -5.43 9.82 4.01
N THR A 89 -5.08 10.71 3.07
CA THR A 89 -4.16 11.81 3.34
C THR A 89 -4.91 13.08 3.77
N HIS A 90 -6.25 13.03 3.82
CA HIS A 90 -7.06 14.23 3.89
C HIS A 90 -6.86 15.00 5.20
N LYS A 91 -6.70 14.27 6.32
CA LYS A 91 -6.67 14.91 7.62
C LYS A 91 -5.30 15.52 7.94
N PHE A 92 -4.36 15.45 6.98
CA PHE A 92 -3.03 15.99 7.16
C PHE A 92 -2.92 17.38 6.53
N ASN A 93 -2.06 18.23 7.12
CA ASN A 93 -1.79 19.55 6.59
C ASN A 93 -0.78 19.44 5.45
N LYS A 94 0.41 18.92 5.77
CA LYS A 94 1.44 18.67 4.78
C LYS A 94 1.80 17.18 4.83
N PRO A 95 0.97 16.30 4.21
CA PRO A 95 1.21 14.86 4.30
C PRO A 95 2.51 14.46 3.60
N CYS A 96 3.28 13.60 4.29
CA CYS A 96 4.37 12.87 3.69
C CYS A 96 3.86 11.46 3.38
N ILE A 97 3.93 11.08 2.10
CA ILE A 97 3.22 9.91 1.60
C ILE A 97 4.23 8.94 0.97
N MET A 98 4.14 7.67 1.35
CA MET A 98 4.94 6.64 0.71
C MET A 98 4.04 5.44 0.39
N ASP A 99 4.18 4.94 -0.83
CA ASP A 99 3.44 3.79 -1.33
C ASP A 99 4.42 2.63 -1.46
N VAL A 100 4.14 1.53 -0.77
CA VAL A 100 5.01 0.37 -0.79
C VAL A 100 4.20 -0.87 -1.20
N LYS A 101 4.58 -1.46 -2.34
CA LYS A 101 4.01 -2.72 -2.78
C LYS A 101 4.53 -3.84 -1.89
N ILE A 102 3.63 -4.73 -1.44
CA ILE A 102 3.96 -5.77 -0.47
C ILE A 102 3.88 -7.15 -1.15
N GLY A 103 4.83 -8.01 -0.82
CA GLY A 103 4.78 -9.42 -1.17
C GLY A 103 6.04 -9.88 -1.91
N GLN A 104 6.15 -11.19 -2.10
CA GLN A 104 7.28 -11.79 -2.80
C GLN A 104 6.98 -11.93 -4.29
N LYS A 105 5.70 -11.97 -4.65
CA LYS A 105 5.26 -12.11 -6.02
C LYS A 105 4.28 -10.97 -6.35
N SER A 106 4.52 -10.29 -7.48
CA SER A 106 3.63 -9.25 -7.96
C SER A 106 2.68 -9.80 -9.01
N TYR A 107 2.93 -11.03 -9.46
CA TYR A 107 2.02 -11.73 -10.37
C TYR A 107 1.06 -12.58 -9.55
N ASP A 108 -0.11 -12.87 -10.11
CA ASP A 108 -1.15 -13.57 -9.37
C ASP A 108 -1.20 -15.03 -9.82
N PRO A 109 -2.02 -15.89 -9.17
CA PRO A 109 -2.03 -17.32 -9.46
C PRO A 109 -2.45 -17.73 -10.87
N PHE A 110 -2.96 -16.78 -11.67
CA PHE A 110 -3.49 -17.09 -12.98
C PHE A 110 -2.68 -16.41 -14.08
N ALA A 111 -1.48 -15.91 -13.74
CA ALA A 111 -0.63 -15.24 -14.71
C ALA A 111 0.00 -16.27 -15.66
N SER A 112 0.09 -15.89 -16.94
CA SER A 112 0.80 -16.66 -17.95
C SER A 112 2.30 -16.55 -17.70
N SER A 113 3.08 -17.42 -18.36
CA SER A 113 4.53 -17.42 -18.24
C SER A 113 5.10 -16.05 -18.60
N GLU A 114 4.51 -15.42 -19.63
CA GLU A 114 4.95 -14.13 -20.12
C GLU A 114 4.66 -13.05 -19.08
N LYS A 115 3.46 -13.11 -18.48
CA LYS A 115 3.04 -12.19 -17.45
C LYS A 115 3.98 -12.30 -16.24
N ILE A 116 4.27 -13.53 -15.82
CA ILE A 116 5.16 -13.78 -14.69
C ILE A 116 6.53 -13.14 -14.98
N GLN A 117 7.04 -13.40 -16.19
CA GLN A 117 8.32 -12.88 -16.62
C GLN A 117 8.28 -11.35 -16.60
N GLN A 118 7.18 -10.78 -17.11
CA GLN A 118 6.98 -9.34 -17.12
C GLN A 118 7.05 -8.79 -15.69
N GLN A 119 6.31 -9.41 -14.77
CA GLN A 119 6.19 -8.91 -13.42
C GLN A 119 7.51 -9.04 -12.65
N VAL A 120 8.19 -10.19 -12.78
CA VAL A 120 9.45 -10.39 -12.09
C VAL A 120 10.49 -9.44 -12.66
N SER A 121 10.45 -9.25 -13.98
CA SER A 121 11.37 -8.36 -14.69
C SER A 121 11.29 -6.94 -14.14
N LYS A 122 10.06 -6.50 -13.82
CA LYS A 122 9.81 -5.15 -13.31
C LYS A 122 10.67 -4.90 -12.06
N TYR A 123 10.76 -5.90 -11.18
CA TYR A 123 11.65 -5.81 -10.02
C TYR A 123 12.03 -7.22 -9.59
N PRO A 124 13.18 -7.75 -10.05
CA PRO A 124 13.54 -9.14 -9.77
C PRO A 124 13.97 -9.45 -8.34
N LEU A 125 14.02 -8.42 -7.49
CA LEU A 125 14.40 -8.57 -6.09
C LEU A 125 13.17 -8.74 -5.19
N MET A 126 12.00 -8.94 -5.78
CA MET A 126 10.76 -8.92 -5.02
C MET A 126 10.71 -10.13 -4.08
N GLU A 127 11.19 -11.29 -4.55
CA GLU A 127 11.18 -12.51 -3.77
C GLU A 127 12.09 -12.34 -2.54
N GLU A 128 13.26 -11.72 -2.75
CA GLU A 128 14.28 -11.61 -1.72
C GLU A 128 13.88 -10.60 -0.65
N ILE A 129 13.36 -9.44 -1.07
CA ILE A 129 13.12 -8.33 -0.16
C ILE A 129 11.68 -8.38 0.37
N GLY A 130 10.73 -8.70 -0.51
CA GLY A 130 9.34 -8.88 -0.11
C GLY A 130 8.54 -7.56 -0.11
N PHE A 131 9.16 -6.48 -0.61
CA PHE A 131 8.45 -5.22 -0.81
C PHE A 131 9.22 -4.35 -1.79
N LEU A 132 8.51 -3.37 -2.35
CA LEU A 132 9.05 -2.45 -3.33
C LEU A 132 8.42 -1.07 -3.12
N VAL A 133 9.25 -0.04 -3.01
CA VAL A 133 8.76 1.32 -2.87
C VAL A 133 8.30 1.79 -4.25
N LEU A 134 7.01 2.14 -4.37
CA LEU A 134 6.42 2.58 -5.62
C LEU A 134 6.66 4.08 -5.81
N GLY A 135 6.68 4.82 -4.70
CA GLY A 135 6.98 6.24 -4.74
C GLY A 135 6.89 6.86 -3.34
N MET A 136 7.34 8.10 -3.23
CA MET A 136 7.10 8.89 -2.04
C MET A 136 6.99 10.36 -2.42
N ARG A 137 6.25 11.10 -1.58
CA ARG A 137 6.23 12.55 -1.58
C ARG A 137 6.57 13.01 -0.17
N VAL A 138 7.72 13.70 -0.03
CA VAL A 138 8.22 14.11 1.27
C VAL A 138 8.26 15.63 1.34
N TYR A 139 7.48 16.20 2.24
CA TYR A 139 7.50 17.64 2.49
C TYR A 139 8.75 17.99 3.29
N HIS A 140 9.49 18.99 2.81
CA HIS A 140 10.68 19.49 3.49
C HIS A 140 10.39 20.88 4.04
N VAL A 141 10.55 21.03 5.37
CA VAL A 141 10.22 22.26 6.07
C VAL A 141 11.18 23.37 5.63
N HIS A 142 12.47 23.04 5.48
CA HIS A 142 13.50 24.05 5.23
C HIS A 142 13.21 24.79 3.93
N SER A 143 12.77 24.05 2.89
CA SER A 143 12.55 24.60 1.57
C SER A 143 11.07 24.93 1.34
N ASP A 144 10.21 24.46 2.26
CA ASP A 144 8.76 24.54 2.07
C ASP A 144 8.40 24.00 0.69
N SER A 145 8.82 22.76 0.44
CA SER A 145 8.64 22.13 -0.87
C SER A 145 8.59 20.63 -0.71
N TYR A 146 8.19 19.95 -1.80
CA TYR A 146 8.05 18.50 -1.83
C TYR A 146 9.19 17.89 -2.63
N GLU A 147 9.77 16.81 -2.08
CA GLU A 147 10.64 15.91 -2.81
C GLU A 147 9.81 14.71 -3.25
N THR A 148 9.80 14.41 -4.56
CA THR A 148 9.03 13.28 -5.08
C THR A 148 9.97 12.24 -5.68
N GLU A 149 9.71 10.97 -5.38
CA GLU A 149 10.40 9.86 -6.01
C GLU A 149 9.37 9.03 -6.78
N ASN A 150 9.76 8.62 -8.00
CA ASN A 150 8.91 7.86 -8.89
C ASN A 150 9.24 6.37 -8.75
N GLN A 151 8.67 5.53 -9.62
CA GLN A 151 8.76 4.08 -9.50
C GLN A 151 10.19 3.59 -9.74
N HIS A 152 11.00 4.36 -10.48
CA HIS A 152 12.37 3.98 -10.76
C HIS A 152 13.24 4.09 -9.51
N TYR A 153 12.85 4.93 -8.54
CA TYR A 153 13.58 5.05 -7.29
C TYR A 153 13.61 3.71 -6.57
N GLY A 154 12.41 3.18 -6.27
CA GLY A 154 12.27 1.93 -5.53
C GLY A 154 12.84 0.73 -6.30
N ARG A 155 12.69 0.74 -7.63
CA ARG A 155 13.15 -0.36 -8.46
C ARG A 155 14.68 -0.38 -8.55
N SER A 156 15.34 0.71 -8.12
N SER A 156 15.34 0.70 -8.11
CA SER A 156 16.79 0.79 -8.10
CA SER A 156 16.80 0.76 -8.12
C SER A 156 17.37 0.23 -6.80
C SER A 156 17.39 0.28 -6.79
N LEU A 157 16.53 0.08 -5.78
CA LEU A 157 16.99 -0.28 -4.45
C LEU A 157 17.33 -1.77 -4.39
N THR A 158 18.43 -2.08 -3.70
CA THR A 158 18.90 -3.45 -3.49
C THR A 158 18.94 -3.72 -1.99
N LYS A 159 19.34 -4.94 -1.61
CA LYS A 159 19.50 -5.26 -0.20
C LYS A 159 20.47 -4.29 0.47
N GLU A 160 21.47 -3.83 -0.30
CA GLU A 160 22.50 -2.96 0.25
C GLU A 160 21.96 -1.56 0.51
N THR A 161 20.95 -1.12 -0.25
CA THR A 161 20.51 0.26 -0.21
C THR A 161 19.07 0.43 0.26
N ILE A 162 18.40 -0.67 0.64
CA ILE A 162 16.97 -0.62 0.95
C ILE A 162 16.73 0.18 2.23
N LYS A 163 17.61 0.03 3.25
CA LYS A 163 17.41 0.71 4.51
C LYS A 163 17.46 2.22 4.31
N ASP A 164 18.51 2.71 3.63
CA ASP A 164 18.66 4.13 3.34
C ASP A 164 17.58 4.59 2.36
N GLY A 165 17.17 3.68 1.47
CA GLY A 165 16.12 3.96 0.51
C GLY A 165 14.80 4.30 1.21
N VAL A 166 14.48 3.54 2.27
CA VAL A 166 13.26 3.72 3.03
C VAL A 166 13.41 4.92 3.98
N SER A 167 14.58 5.09 4.59
N SER A 167 14.59 5.05 4.61
CA SER A 167 14.79 6.12 5.60
CA SER A 167 14.87 6.11 5.57
C SER A 167 14.65 7.52 4.99
C SER A 167 14.54 7.48 4.97
N ARG A 168 14.86 7.65 3.68
CA ARG A 168 14.67 8.92 2.98
C ARG A 168 13.27 9.49 3.24
N PHE A 169 12.26 8.62 3.27
CA PHE A 169 10.88 9.02 3.48
C PHE A 169 10.71 9.81 4.77
N PHE A 170 11.52 9.48 5.79
CA PHE A 170 11.35 10.00 7.13
C PHE A 170 12.30 11.17 7.42
N HIS A 171 12.94 11.72 6.39
CA HIS A 171 13.80 12.89 6.55
C HIS A 171 12.94 14.15 6.45
N ASN A 172 12.47 14.64 7.61
CA ASN A 172 11.57 15.78 7.69
C ASN A 172 11.74 16.47 9.05
N GLY A 173 11.66 17.80 9.06
CA GLY A 173 11.68 18.58 10.29
C GLY A 173 13.08 18.69 10.89
N TYR A 174 14.09 18.79 10.02
CA TYR A 174 15.48 18.97 10.40
C TYR A 174 15.99 17.75 11.18
N CYS A 175 15.43 16.57 10.88
CA CYS A 175 15.75 15.36 11.63
C CYS A 175 15.22 14.13 10.90
N LEU A 176 15.60 12.96 11.41
CA LEU A 176 14.96 11.70 11.08
C LEU A 176 13.73 11.54 11.98
N ARG A 177 12.56 11.34 11.36
CA ARG A 177 11.30 11.29 12.08
C ARG A 177 11.11 9.89 12.68
N LYS A 178 11.85 9.59 13.76
CA LYS A 178 11.77 8.28 14.39
C LYS A 178 10.40 8.08 15.03
N ASP A 179 9.72 9.17 15.41
CA ASP A 179 8.34 9.08 15.86
C ASP A 179 7.46 8.43 14.79
N ALA A 180 7.61 8.85 13.53
CA ALA A 180 6.79 8.32 12.44
C ALA A 180 7.21 6.89 12.12
N VAL A 181 8.52 6.61 12.25
CA VAL A 181 9.04 5.27 12.02
C VAL A 181 8.42 4.31 13.04
N ALA A 182 8.48 4.69 14.33
CA ALA A 182 7.96 3.84 15.39
C ALA A 182 6.45 3.62 15.21
N ALA A 183 5.72 4.69 14.92
CA ALA A 183 4.28 4.62 14.72
C ALA A 183 3.96 3.68 13.54
N SER A 184 4.76 3.78 12.48
CA SER A 184 4.58 2.96 11.29
C SER A 184 4.71 1.48 11.64
N ILE A 185 5.73 1.15 12.45
CA ILE A 185 5.93 -0.22 12.89
C ILE A 185 4.69 -0.72 13.65
N GLN A 186 4.18 0.12 14.56
CA GLN A 186 3.07 -0.26 15.42
C GLN A 186 1.81 -0.52 14.59
N LYS A 187 1.59 0.27 13.55
CA LYS A 187 0.40 0.14 12.72
C LYS A 187 0.54 -1.05 11.76
N ILE A 188 1.75 -1.27 11.21
CA ILE A 188 2.01 -2.43 10.38
C ILE A 188 1.77 -3.70 11.19
N GLU A 189 2.17 -3.67 12.47
CA GLU A 189 2.06 -4.85 13.32
C GLU A 189 0.61 -5.31 13.43
N LYS A 190 -0.34 -4.36 13.48
CA LYS A 190 -1.75 -4.69 13.58
C LYS A 190 -2.22 -5.35 12.27
N ILE A 191 -1.74 -4.84 11.13
CA ILE A 191 -2.09 -5.40 9.84
C ILE A 191 -1.52 -6.82 9.74
N LEU A 192 -0.29 -7.01 10.25
CA LEU A 192 0.34 -8.32 10.25
C LEU A 192 -0.47 -9.29 11.11
N GLN A 193 -0.96 -8.81 12.26
CA GLN A 193 -1.77 -9.62 13.15
C GLN A 193 -3.06 -10.06 12.44
N TRP A 194 -3.63 -9.18 11.61
CA TRP A 194 -4.79 -9.54 10.81
C TRP A 194 -4.43 -10.69 9.87
N PHE A 195 -3.31 -10.54 9.15
CA PHE A 195 -2.88 -11.55 8.18
C PHE A 195 -2.60 -12.88 8.86
N GLU A 196 -2.09 -12.84 10.09
CA GLU A 196 -1.76 -14.07 10.80
C GLU A 196 -3.01 -14.72 11.38
N ASN A 197 -4.18 -14.09 11.22
CA ASN A 197 -5.43 -14.61 11.74
C ASN A 197 -6.47 -14.77 10.62
N GLN A 198 -6.00 -14.90 9.38
CA GLN A 198 -6.90 -15.12 8.25
C GLN A 198 -6.22 -16.05 7.25
N LYS A 199 -7.03 -16.90 6.61
CA LYS A 199 -6.56 -17.85 5.61
C LYS A 199 -7.57 -17.93 4.47
N GLN A 200 -8.13 -16.79 4.06
CA GLN A 200 -9.19 -16.78 3.06
C GLN A 200 -8.92 -15.81 1.92
N LEU A 201 -7.88 -14.97 2.05
CA LEU A 201 -7.51 -14.01 1.02
C LEU A 201 -5.99 -13.96 0.88
N ASN A 202 -5.53 -13.97 -0.38
CA ASN A 202 -4.13 -13.72 -0.69
C ASN A 202 -4.06 -12.49 -1.58
N PHE A 203 -3.04 -11.65 -1.36
CA PHE A 203 -2.97 -10.31 -1.92
C PHE A 203 -1.69 -10.17 -2.75
N TYR A 204 -1.85 -9.95 -4.06
CA TYR A 204 -0.72 -9.77 -4.96
C TYR A 204 -0.74 -8.36 -5.53
N ALA A 205 0.44 -7.74 -5.63
CA ALA A 205 0.62 -6.40 -6.16
C ALA A 205 -0.26 -5.37 -5.44
N SER A 206 -0.56 -5.60 -4.15
N SER A 206 -0.49 -5.59 -4.14
CA SER A 206 -1.23 -4.61 -3.33
CA SER A 206 -1.20 -4.66 -3.28
C SER A 206 -0.18 -3.85 -2.51
C SER A 206 -0.18 -3.86 -2.48
N SER A 207 -0.61 -2.69 -1.97
CA SER A 207 0.30 -1.72 -1.38
C SER A 207 -0.09 -1.36 0.04
N LEU A 208 0.90 -0.87 0.81
CA LEU A 208 0.65 -0.08 1.99
C LEU A 208 0.90 1.39 1.67
N LEU A 209 -0.06 2.24 2.04
CA LEU A 209 0.10 3.68 1.94
C LEU A 209 0.45 4.22 3.33
N PHE A 210 1.65 4.80 3.44
CA PHE A 210 2.12 5.43 4.66
C PHE A 210 1.92 6.94 4.56
N VAL A 211 1.38 7.53 5.62
CA VAL A 211 1.22 8.97 5.66
C VAL A 211 1.63 9.44 7.06
N TYR A 212 2.45 10.49 7.12
CA TYR A 212 2.68 11.19 8.38
C TYR A 212 2.66 12.68 8.13
N GLU A 213 2.59 13.45 9.22
CA GLU A 213 2.45 14.90 9.15
C GLU A 213 3.83 15.55 9.03
N GLY A 214 4.03 16.28 7.93
CA GLY A 214 5.30 16.93 7.64
C GLY A 214 5.38 18.38 8.11
N SER A 215 4.23 18.99 8.43
CA SER A 215 4.17 20.42 8.72
C SER A 215 4.92 20.74 10.02
N VAL A 224 -0.16 9.34 12.26
CA VAL A 224 0.34 8.48 11.15
C VAL A 224 -0.82 7.62 10.61
N GLU A 225 -0.80 7.39 9.30
CA GLU A 225 -1.70 6.44 8.67
C GLU A 225 -0.86 5.36 7.99
N VAL A 226 -1.33 4.14 8.12
CA VAL A 226 -0.77 3.03 7.35
C VAL A 226 -2.04 2.26 6.87
N ARG A 227 -2.31 2.34 5.58
CA ARG A 227 -3.46 1.65 5.03
C ARG A 227 -3.18 0.74 3.81
N MET A 228 -3.93 -0.34 3.73
CA MET A 228 -3.84 -1.23 2.59
C MET A 228 -4.63 -0.62 1.42
N ILE A 229 -4.04 -0.62 0.24
CA ILE A 229 -4.68 -0.13 -0.97
C ILE A 229 -4.35 -1.05 -2.14
N ASP A 230 -5.16 -0.94 -3.22
CA ASP A 230 -4.89 -1.47 -4.55
C ASP A 230 -5.14 -2.99 -4.59
N PHE A 231 -6.37 -3.37 -4.92
CA PHE A 231 -6.84 -4.74 -4.73
C PHE A 231 -7.28 -5.37 -6.05
N ALA A 232 -6.54 -5.08 -7.13
CA ALA A 232 -6.83 -5.64 -8.44
C ALA A 232 -6.37 -7.11 -8.54
N HIS A 233 -5.55 -7.58 -7.58
CA HIS A 233 -5.08 -8.96 -7.61
C HIS A 233 -5.23 -9.62 -6.24
N VAL A 234 -6.44 -9.55 -5.66
CA VAL A 234 -6.75 -10.24 -4.41
C VAL A 234 -7.56 -11.48 -4.74
N PHE A 235 -7.15 -12.64 -4.22
CA PHE A 235 -7.76 -13.90 -4.59
C PHE A 235 -8.21 -14.68 -3.35
N PRO A 236 -9.27 -15.51 -3.47
CA PRO A 236 -9.60 -16.46 -2.41
C PRO A 236 -8.46 -17.45 -2.22
N SER A 237 -8.30 -17.93 -0.99
CA SER A 237 -7.20 -18.82 -0.62
C SER A 237 -7.66 -19.71 0.53
N ASN A 238 -6.86 -20.75 0.83
CA ASN A 238 -7.08 -21.56 2.02
C ASN A 238 -5.79 -21.67 2.82
N THR A 239 -4.85 -20.76 2.57
CA THR A 239 -3.56 -20.74 3.24
C THR A 239 -3.25 -19.33 3.73
N ILE A 240 -2.31 -19.24 4.68
CA ILE A 240 -1.73 -17.97 5.08
C ILE A 240 -1.13 -17.31 3.83
N ASP A 241 -1.23 -15.98 3.75
CA ASP A 241 -0.57 -15.24 2.70
C ASP A 241 0.90 -15.08 3.12
N GLU A 242 1.72 -16.10 2.82
CA GLU A 242 3.06 -16.17 3.37
C GLU A 242 3.95 -15.08 2.78
N GLY A 243 3.74 -14.75 1.50
CA GLY A 243 4.53 -13.72 0.84
C GLY A 243 4.27 -12.33 1.42
N TYR A 244 3.01 -12.04 1.72
CA TYR A 244 2.63 -10.75 2.30
C TYR A 244 3.22 -10.67 3.70
N VAL A 245 3.07 -11.75 4.48
CA VAL A 245 3.61 -11.81 5.82
C VAL A 245 5.12 -11.57 5.78
N TYR A 246 5.84 -12.24 4.91
CA TYR A 246 7.29 -12.03 4.76
C TYR A 246 7.62 -10.59 4.49
N GLY A 247 6.86 -9.98 3.59
CA GLY A 247 7.10 -8.58 3.24
C GLY A 247 6.90 -7.63 4.42
N LEU A 248 5.79 -7.83 5.16
CA LEU A 248 5.50 -7.02 6.32
C LEU A 248 6.62 -7.17 7.36
N LYS A 249 7.05 -8.41 7.59
CA LYS A 249 8.06 -8.68 8.60
C LYS A 249 9.39 -8.06 8.20
N HIS A 250 9.75 -8.13 6.91
CA HIS A 250 10.99 -7.53 6.46
C HIS A 250 10.90 -6.01 6.56
N LEU A 251 9.74 -5.46 6.19
CA LEU A 251 9.55 -4.02 6.26
C LEU A 251 9.68 -3.55 7.72
N ILE A 252 9.05 -4.28 8.65
CA ILE A 252 9.15 -3.98 10.07
C ILE A 252 10.62 -4.02 10.51
N SER A 253 11.36 -5.03 10.05
N SER A 253 11.36 -5.03 10.05
CA SER A 253 12.75 -5.20 10.44
CA SER A 253 12.75 -5.20 10.44
C SER A 253 13.60 -4.03 9.96
C SER A 253 13.59 -4.03 9.96
N VAL A 254 13.34 -3.57 8.74
CA VAL A 254 14.07 -2.43 8.18
C VAL A 254 13.76 -1.18 9.02
N LEU A 255 12.45 -0.92 9.25
CA LEU A 255 12.03 0.25 10.02
C LEU A 255 12.63 0.21 11.43
N ARG A 256 12.71 -1.00 12.03
CA ARG A 256 13.29 -1.16 13.35
C ARG A 256 14.76 -0.73 13.34
N SER A 257 15.49 -1.11 12.29
N SER A 257 15.49 -1.12 12.29
CA SER A 257 16.91 -0.79 12.18
CA SER A 257 16.89 -0.79 12.16
C SER A 257 17.10 0.74 12.05
C SER A 257 17.09 0.72 12.05
N ILE A 258 16.15 1.40 11.37
CA ILE A 258 16.21 2.85 11.18
C ILE A 258 16.08 3.57 12.53
N LEU A 259 15.37 2.95 13.49
CA LEU A 259 15.24 3.52 14.82
C LEU A 259 16.60 3.59 15.53
N ASP A 260 17.61 2.87 15.03
CA ASP A 260 18.93 2.86 15.66
C ASP A 260 19.87 3.88 15.02
N ASN A 261 19.41 4.62 14.00
CA ASN A 261 20.27 5.56 13.27
C ASN A 261 20.81 6.63 14.22
#